data_8A46
#
_entry.id   8A46
#
_cell.length_a   103.373
_cell.length_b   103.373
_cell.length_c   55.712
_cell.angle_alpha   90
_cell.angle_beta   90
_cell.angle_gamma   120
#
_symmetry.space_group_name_H-M   'P 61'
#
loop_
_entity.id
_entity.type
_entity.pdbx_description
1 polymer 'Kelch-like ECH-associated protein 1'
2 non-polymer '2-[(1S,2R,8S)-2,4,32-trimethyl-28,28-bis(oxidanylidene)-19,22,27-trioxa-28$l^{6}-thia-1,14,15,16-tetrazahexacyclo[21.5.3.1^{3,7}.1^{9,13}.0^{12,16}.0^{26,30}]tritriaconta-3(33),4,6,9(32),10,12,14,23,25,30-decaen-8-yl]ethanoic acid'
3 water water
#
_entity_poly.entity_id   1
_entity_poly.type   'polypeptide(L)'
_entity_poly.pdbx_seq_one_letter_code
;GSHMGPKVGRLIYTAGGYFRQSLSYLEAYNPSNGSWLRLADLQVPRSGLAGCVVGGLLYAVGGRNNSPDGNTDSSALDCY
NPMTNQWSPCASMSVPRNRIGVGVIDGHIYAVGGSHGCIHHSSVERYEPERDEWHLVAPMLTRRIGVGVAVLNRLLYAVG
GFDGTNRLNSAECYYPERNEWRMITPMNTIRSGAGVCVLHNCIYAAGGYDGQDQLNSVERYDVETETWTFVAPMRHHRSA
LGITVHQGKIYVLGGYDGHTFLDSVECYDPDSDTWSEVTRMTSGRSGVGVAVTMEPCRKQIDQQNCTC
;
_entity_poly.pdbx_strand_id   A
#
loop_
_chem_comp.id
_chem_comp.type
_chem_comp.name
_chem_comp.formula
L5F non-polymer '2-[(1S,2R,8S)-2,4,32-trimethyl-28,28-bis(oxidanylidene)-19,22,27-trioxa-28$l^{6}-thia-1,14,15,16-tetrazahexacyclo[21.5.3.1^{3,7}.1^{9,13}.0^{12,16}.0^{26,30}]tritriaconta-3(33),4,6,9(32),10,12,14,23,25,30-decaen-8-yl]ethanoic acid' 'C30 H32 N4 O7 S'
#
# COMPACT_ATOMS: atom_id res chain seq x y z
N GLY A 9 -1.82 8.60 16.64
CA GLY A 9 -1.17 7.49 15.93
C GLY A 9 0.27 7.36 16.33
N ARG A 10 0.69 6.16 16.80
CA ARG A 10 2.05 5.98 17.24
C ARG A 10 2.72 4.67 16.83
N LEU A 11 2.01 3.63 16.30
CA LEU A 11 2.73 2.44 15.85
C LEU A 11 2.54 2.22 14.34
N ILE A 12 3.51 1.57 13.71
CA ILE A 12 3.40 1.15 12.32
C ILE A 12 2.86 -0.29 12.31
N TYR A 13 1.66 -0.46 11.78
CA TYR A 13 1.03 -1.78 11.72
C TYR A 13 1.27 -2.41 10.37
N THR A 14 1.66 -3.70 10.33
CA THR A 14 1.80 -4.46 9.09
C THR A 14 0.82 -5.64 9.18
N ALA A 15 -0.05 -5.76 8.19
CA ALA A 15 -1.09 -6.78 8.17
C ALA A 15 -0.92 -7.67 6.98
N GLY A 16 -1.10 -8.97 7.18
CA GLY A 16 -1.03 -9.92 6.09
C GLY A 16 0.31 -10.08 5.43
N GLY A 17 0.27 -10.42 4.15
CA GLY A 17 1.49 -10.61 3.39
C GLY A 17 1.63 -12.00 2.83
N TYR A 18 2.81 -12.29 2.32
CA TYR A 18 3.13 -13.58 1.72
C TYR A 18 4.52 -14.04 2.08
N PHE A 19 4.64 -15.33 2.44
CA PHE A 19 5.88 -16.06 2.57
C PHE A 19 5.44 -17.51 2.46
N ARG A 20 5.66 -18.12 1.29
CA ARG A 20 5.25 -19.48 0.92
C ARG A 20 3.77 -19.56 0.62
N GLN A 21 2.97 -18.80 1.38
CA GLN A 21 1.53 -18.72 1.21
C GLN A 21 1.07 -17.38 1.83
N SER A 22 -0.21 -17.04 1.70
CA SER A 22 -0.74 -15.83 2.33
C SER A 22 -0.68 -15.94 3.84
N LEU A 23 -0.47 -14.80 4.49
CA LEU A 23 -0.27 -14.73 5.94
C LEU A 23 -1.37 -14.00 6.64
N SER A 24 -1.61 -14.35 7.90
N SER A 24 -1.60 -14.36 7.90
CA SER A 24 -2.62 -13.65 8.69
CA SER A 24 -2.62 -13.69 8.72
C SER A 24 -2.01 -12.74 9.76
C SER A 24 -2.01 -12.72 9.73
N TYR A 25 -0.67 -12.56 9.78
CA TYR A 25 -0.03 -11.74 10.80
C TYR A 25 -0.52 -10.32 10.88
N LEU A 26 -0.69 -9.86 12.11
CA LEU A 26 -0.89 -8.46 12.39
C LEU A 26 0.20 -8.13 13.40
N GLU A 27 1.20 -7.33 13.00
CA GLU A 27 2.30 -6.95 13.91
C GLU A 27 2.50 -5.45 13.88
N ALA A 28 2.98 -4.88 15.00
CA ALA A 28 3.08 -3.43 15.08
C ALA A 28 4.44 -3.04 15.61
N TYR A 29 5.12 -2.13 14.91
CA TYR A 29 6.44 -1.63 15.25
C TYR A 29 6.36 -0.25 15.92
N ASN A 30 7.15 -0.07 17.01
CA ASN A 30 7.20 1.19 17.72
C ASN A 30 8.51 1.90 17.40
N PRO A 31 8.50 2.92 16.51
CA PRO A 31 9.78 3.58 16.18
C PRO A 31 10.48 4.23 17.36
N SER A 32 9.74 4.56 18.44
CA SER A 32 10.35 5.21 19.60
CA SER A 32 10.34 5.20 19.61
C SER A 32 11.21 4.27 20.44
N ASN A 33 10.94 2.94 20.43
CA ASN A 33 11.75 2.02 21.24
C ASN A 33 12.23 0.76 20.52
N GLY A 34 11.92 0.61 19.25
CA GLY A 34 12.37 -0.53 18.46
C GLY A 34 11.62 -1.83 18.68
N SER A 35 10.56 -1.81 19.50
CA SER A 35 9.81 -3.03 19.79
C SER A 35 8.79 -3.42 18.74
N TRP A 36 8.53 -4.73 18.66
CA TRP A 36 7.48 -5.27 17.80
C TRP A 36 6.49 -5.99 18.69
N LEU A 37 5.20 -5.86 18.38
CA LEU A 37 4.15 -6.55 19.10
C LEU A 37 3.40 -7.41 18.13
N ARG A 38 3.09 -8.68 18.49
CA ARG A 38 2.26 -9.51 17.63
C ARG A 38 0.85 -9.41 18.18
N LEU A 39 -0.09 -9.00 17.32
CA LEU A 39 -1.47 -8.74 17.69
C LEU A 39 -2.44 -9.76 17.04
N ALA A 40 -3.74 -9.56 17.18
CA ALA A 40 -4.72 -10.52 16.67
C ALA A 40 -4.58 -10.76 15.19
N ASP A 41 -4.49 -12.04 14.80
CA ASP A 41 -4.40 -12.41 13.39
C ASP A 41 -5.63 -11.96 12.63
N LEU A 42 -5.47 -11.70 11.34
CA LEU A 42 -6.60 -11.51 10.42
C LEU A 42 -7.43 -12.81 10.44
N GLN A 43 -8.75 -12.67 10.30
CA GLN A 43 -9.63 -13.85 10.25
C GLN A 43 -9.31 -14.74 9.05
N VAL A 44 -8.86 -14.14 7.94
CA VAL A 44 -8.50 -14.87 6.73
C VAL A 44 -7.10 -14.44 6.30
N PRO A 45 -6.15 -15.35 6.09
CA PRO A 45 -4.81 -14.92 5.61
C PRO A 45 -4.92 -14.29 4.24
N ARG A 46 -4.22 -13.15 4.04
CA ARG A 46 -4.32 -12.46 2.75
C ARG A 46 -3.00 -11.80 2.40
N SER A 47 -2.62 -11.92 1.14
CA SER A 47 -1.49 -11.20 0.55
C SER A 47 -2.07 -10.21 -0.48
N GLY A 48 -1.28 -9.20 -0.84
CA GLY A 48 -1.71 -8.26 -1.86
C GLY A 48 -2.89 -7.39 -1.47
N LEU A 49 -3.05 -7.20 -0.17
CA LEU A 49 -4.08 -6.34 0.41
C LEU A 49 -3.48 -4.95 0.67
N ALA A 50 -4.35 -4.04 1.09
CA ALA A 50 -3.92 -2.71 1.47
C ALA A 50 -4.44 -2.41 2.85
N GLY A 51 -3.70 -1.58 3.57
CA GLY A 51 -4.10 -1.14 4.89
C GLY A 51 -4.33 0.36 4.89
N CYS A 52 -5.22 0.83 5.74
CA CYS A 52 -5.48 2.26 5.90
C CYS A 52 -6.14 2.51 7.23
N VAL A 53 -6.16 3.78 7.66
CA VAL A 53 -6.75 4.13 8.94
C VAL A 53 -7.78 5.21 8.80
N VAL A 54 -8.95 5.01 9.45
CA VAL A 54 -9.98 6.04 9.50
C VAL A 54 -10.49 6.08 10.94
N GLY A 55 -10.46 7.26 11.56
CA GLY A 55 -10.93 7.41 12.94
C GLY A 55 -10.21 6.55 13.94
N GLY A 56 -8.93 6.32 13.74
CA GLY A 56 -8.13 5.52 14.65
C GLY A 56 -8.26 4.01 14.47
N LEU A 57 -9.16 3.56 13.59
CA LEU A 57 -9.35 2.14 13.33
C LEU A 57 -8.55 1.71 12.11
N LEU A 58 -7.99 0.50 12.14
CA LEU A 58 -7.19 -0.01 11.03
C LEU A 58 -8.06 -0.86 10.12
N TYR A 59 -8.00 -0.64 8.82
CA TYR A 59 -8.80 -1.42 7.88
C TYR A 59 -7.90 -2.20 6.97
N ALA A 60 -8.26 -3.46 6.68
CA ALA A 60 -7.54 -4.34 5.75
C ALA A 60 -8.49 -4.53 4.58
N VAL A 61 -8.01 -4.26 3.36
CA VAL A 61 -8.89 -4.20 2.21
C VAL A 61 -8.38 -5.12 1.11
N GLY A 62 -9.26 -5.98 0.59
CA GLY A 62 -8.90 -6.80 -0.54
C GLY A 62 -7.79 -7.81 -0.30
N GLY A 63 -7.11 -8.17 -1.39
CA GLY A 63 -6.06 -9.16 -1.32
C GLY A 63 -6.48 -10.52 -1.87
N ARG A 64 -5.73 -11.56 -1.50
CA ARG A 64 -5.99 -12.92 -1.97
C ARG A 64 -5.60 -13.88 -0.87
N ASN A 65 -6.41 -14.91 -0.69
CA ASN A 65 -6.06 -15.97 0.25
C ASN A 65 -5.43 -17.09 -0.60
N ASN A 66 -4.06 -17.15 -0.69
CA ASN A 66 -3.27 -18.16 -1.41
C ASN A 66 -2.94 -19.21 -0.37
N SER A 67 -3.62 -20.34 -0.42
CA SER A 67 -3.44 -21.40 0.56
C SER A 67 -3.34 -22.79 -0.11
N PRO A 68 -2.91 -23.87 0.59
CA PRO A 68 -2.93 -25.20 -0.05
C PRO A 68 -4.36 -25.70 -0.35
N ASP A 69 -5.39 -25.09 0.27
CA ASP A 69 -6.80 -25.48 0.07
C ASP A 69 -7.52 -24.74 -1.07
N GLY A 70 -6.89 -23.72 -1.66
CA GLY A 70 -7.52 -22.99 -2.77
C GLY A 70 -7.21 -21.50 -2.78
N ASN A 71 -7.17 -20.89 -3.98
CA ASN A 71 -6.84 -19.46 -4.08
C ASN A 71 -8.08 -18.61 -4.32
N THR A 72 -8.35 -17.69 -3.39
CA THR A 72 -9.54 -16.86 -3.49
C THR A 72 -9.21 -15.37 -3.40
N ASP A 73 -9.57 -14.61 -4.42
CA ASP A 73 -9.40 -13.15 -4.37
C ASP A 73 -10.43 -12.60 -3.43
N SER A 74 -10.05 -11.57 -2.67
CA SER A 74 -10.88 -11.04 -1.62
C SER A 74 -11.60 -9.77 -1.95
N SER A 75 -12.89 -9.70 -1.64
CA SER A 75 -13.64 -8.47 -1.72
C SER A 75 -13.84 -7.91 -0.28
N ALA A 76 -13.15 -8.46 0.73
CA ALA A 76 -13.36 -8.13 2.11
C ALA A 76 -12.83 -6.79 2.56
N LEU A 77 -13.54 -6.23 3.53
CA LEU A 77 -13.09 -5.05 4.27
C LEU A 77 -13.25 -5.46 5.73
N ASP A 78 -12.16 -5.47 6.47
CA ASP A 78 -12.16 -5.87 7.88
C ASP A 78 -11.55 -4.74 8.69
N CYS A 79 -12.06 -4.53 9.89
CA CYS A 79 -11.69 -3.43 10.74
C CYS A 79 -11.07 -3.91 12.05
N TYR A 80 -9.88 -3.41 12.38
CA TYR A 80 -9.18 -3.76 13.61
C TYR A 80 -9.25 -2.60 14.56
N ASN A 81 -9.69 -2.86 15.81
CA ASN A 81 -9.75 -1.80 16.81
C ASN A 81 -8.65 -2.00 17.84
N PRO A 82 -7.66 -1.10 17.88
CA PRO A 82 -6.56 -1.26 18.84
C PRO A 82 -7.00 -1.24 20.32
N MET A 83 -8.15 -0.65 20.62
CA MET A 83 -8.65 -0.61 21.99
C MET A 83 -9.14 -1.98 22.48
N THR A 84 -9.55 -2.88 21.57
CA THR A 84 -10.05 -4.21 21.92
C THR A 84 -9.17 -5.37 21.42
N ASN A 85 -8.21 -5.09 20.50
CA ASN A 85 -7.40 -6.09 19.85
C ASN A 85 -8.29 -7.11 19.12
N GLN A 86 -9.36 -6.63 18.49
CA GLN A 86 -10.28 -7.51 17.76
C GLN A 86 -10.56 -6.99 16.36
N TRP A 87 -10.68 -7.92 15.41
CA TRP A 87 -11.08 -7.65 14.03
C TRP A 87 -12.58 -7.85 13.90
N SER A 88 -13.24 -6.99 13.14
CA SER A 88 -14.66 -7.07 12.86
C SER A 88 -14.86 -6.94 11.37
N PRO A 89 -15.71 -7.78 10.77
CA PRO A 89 -16.00 -7.62 9.35
C PRO A 89 -16.84 -6.37 9.06
N CYS A 90 -16.62 -5.78 7.90
CA CYS A 90 -17.41 -4.67 7.38
C CYS A 90 -18.06 -5.13 6.08
N ALA A 91 -18.84 -4.23 5.44
CA ALA A 91 -19.44 -4.52 4.15
C ALA A 91 -18.34 -4.82 3.13
N SER A 92 -18.58 -5.82 2.32
CA SER A 92 -17.64 -6.20 1.27
C SER A 92 -17.78 -5.28 0.07
N MET A 93 -16.71 -5.19 -0.71
CA MET A 93 -16.69 -4.43 -1.94
C MET A 93 -17.53 -5.10 -3.01
N SER A 94 -17.81 -4.38 -4.10
CA SER A 94 -18.59 -4.88 -5.23
C SER A 94 -17.94 -6.08 -5.88
N VAL A 95 -16.60 -6.12 -5.89
CA VAL A 95 -15.83 -7.16 -6.56
C VAL A 95 -14.58 -7.51 -5.76
N PRO A 96 -14.05 -8.73 -5.92
CA PRO A 96 -12.75 -9.05 -5.30
C PRO A 96 -11.64 -8.18 -5.93
N ARG A 97 -10.65 -7.78 -5.13
CA ARG A 97 -9.56 -6.93 -5.62
C ARG A 97 -8.26 -7.38 -4.99
N ASN A 98 -7.53 -8.25 -5.69
CA ASN A 98 -6.21 -8.66 -5.25
C ASN A 98 -5.19 -7.67 -5.83
N ARG A 99 -4.11 -7.39 -5.10
CA ARG A 99 -3.06 -6.45 -5.57
C ARG A 99 -3.68 -5.08 -5.78
N ILE A 100 -4.45 -4.69 -4.76
CA ILE A 100 -5.21 -3.46 -4.71
C ILE A 100 -4.37 -2.27 -4.20
N GLY A 101 -4.89 -1.08 -4.47
CA GLY A 101 -4.36 0.14 -3.88
C GLY A 101 -5.51 0.85 -3.20
N VAL A 102 -5.26 1.49 -2.05
N VAL A 102 -5.23 1.54 -2.09
CA VAL A 102 -6.30 2.25 -1.36
CA VAL A 102 -6.25 2.22 -1.31
C VAL A 102 -5.78 3.63 -0.92
C VAL A 102 -5.78 3.62 -0.87
N GLY A 103 -6.71 4.57 -0.81
CA GLY A 103 -6.42 5.91 -0.32
C GLY A 103 -7.61 6.40 0.47
N VAL A 104 -7.37 7.25 1.47
CA VAL A 104 -8.44 7.80 2.28
C VAL A 104 -8.59 9.28 2.01
N ILE A 105 -9.81 9.73 1.72
CA ILE A 105 -10.08 11.15 1.56
C ILE A 105 -11.27 11.49 2.45
N ASP A 106 -11.11 12.44 3.38
CA ASP A 106 -12.20 12.90 4.24
C ASP A 106 -13.02 11.78 4.89
N GLY A 107 -12.32 10.84 5.48
CA GLY A 107 -12.95 9.74 6.19
C GLY A 107 -13.56 8.66 5.34
N HIS A 108 -13.33 8.70 4.01
CA HIS A 108 -13.87 7.67 3.13
C HIS A 108 -12.71 6.88 2.54
N ILE A 109 -12.89 5.56 2.40
CA ILE A 109 -11.85 4.72 1.81
C ILE A 109 -12.11 4.51 0.34
N TYR A 110 -11.12 4.78 -0.52
CA TYR A 110 -11.24 4.49 -1.94
C TYR A 110 -10.42 3.25 -2.22
N ALA A 111 -11.07 2.24 -2.85
CA ALA A 111 -10.44 1.00 -3.25
C ALA A 111 -10.25 1.13 -4.75
N VAL A 112 -9.01 0.93 -5.21
CA VAL A 112 -8.65 1.18 -6.58
C VAL A 112 -8.06 -0.02 -7.28
N GLY A 113 -8.63 -0.38 -8.44
CA GLY A 113 -8.03 -1.43 -9.27
C GLY A 113 -7.92 -2.80 -8.64
N GLY A 114 -6.82 -3.49 -8.91
CA GLY A 114 -6.66 -4.85 -8.41
C GLY A 114 -7.24 -5.88 -9.37
N SER A 115 -7.03 -7.14 -9.08
CA SER A 115 -7.47 -8.21 -9.98
C SER A 115 -8.45 -9.15 -9.36
N HIS A 116 -9.22 -9.82 -10.23
CA HIS A 116 -10.14 -10.87 -9.81
C HIS A 116 -9.92 -11.93 -10.88
N GLY A 117 -9.08 -12.92 -10.59
CA GLY A 117 -8.68 -13.89 -11.61
C GLY A 117 -7.93 -13.16 -12.71
N CYS A 118 -8.26 -13.39 -13.97
CA CYS A 118 -7.62 -12.68 -15.07
C CYS A 118 -8.18 -11.28 -15.32
N ILE A 119 -9.22 -10.87 -14.60
CA ILE A 119 -9.81 -9.54 -14.75
C ILE A 119 -8.92 -8.50 -14.06
N HIS A 120 -8.41 -7.55 -14.81
CA HIS A 120 -7.60 -6.46 -14.26
C HIS A 120 -8.50 -5.26 -14.23
N HIS A 121 -8.84 -4.79 -13.03
CA HIS A 121 -9.83 -3.74 -12.91
C HIS A 121 -9.34 -2.34 -13.20
N SER A 122 -10.22 -1.57 -13.87
CA SER A 122 -10.09 -0.12 -13.89
C SER A 122 -11.07 0.47 -12.84
N SER A 123 -12.01 -0.30 -12.31
CA SER A 123 -13.03 0.20 -11.42
C SER A 123 -12.49 0.67 -10.10
N VAL A 124 -13.24 1.60 -9.48
CA VAL A 124 -12.88 2.21 -8.20
C VAL A 124 -14.15 2.34 -7.39
N GLU A 125 -14.06 2.10 -6.09
CA GLU A 125 -15.24 2.25 -5.23
C GLU A 125 -14.88 2.91 -3.93
N ARG A 126 -15.87 3.51 -3.29
CA ARG A 126 -15.68 4.30 -2.08
C ARG A 126 -16.52 3.79 -0.93
N TYR A 127 -15.92 3.65 0.24
CA TYR A 127 -16.57 3.16 1.45
C TYR A 127 -16.81 4.31 2.41
N GLU A 128 -18.04 4.37 2.94
CA GLU A 128 -18.40 5.37 3.94
C GLU A 128 -18.59 4.62 5.28
N PRO A 129 -17.66 4.77 6.24
CA PRO A 129 -17.79 4.08 7.52
C PRO A 129 -19.06 4.37 8.33
N GLU A 130 -19.59 5.60 8.24
CA GLU A 130 -20.83 5.96 8.97
C GLU A 130 -22.07 5.24 8.45
N ARG A 131 -22.04 4.79 7.18
CA ARG A 131 -23.17 4.03 6.62
C ARG A 131 -22.84 2.54 6.39
N ASP A 132 -21.55 2.14 6.49
CA ASP A 132 -21.07 0.79 6.22
C ASP A 132 -21.49 0.36 4.81
N GLU A 133 -21.25 1.25 3.84
CA GLU A 133 -21.64 1.02 2.46
C GLU A 133 -20.52 1.37 1.50
N TRP A 134 -20.41 0.58 0.42
CA TRP A 134 -19.52 0.87 -0.70
C TRP A 134 -20.34 1.36 -1.87
N HIS A 135 -19.78 2.27 -2.67
CA HIS A 135 -20.43 2.72 -3.89
C HIS A 135 -19.38 2.89 -4.95
N LEU A 136 -19.67 2.47 -6.17
CA LEU A 136 -18.74 2.65 -7.27
C LEU A 136 -18.67 4.12 -7.66
N VAL A 137 -17.47 4.58 -7.99
CA VAL A 137 -17.26 5.93 -8.53
C VAL A 137 -16.70 5.78 -9.95
N ALA A 138 -16.26 6.87 -10.61
CA ALA A 138 -15.76 6.75 -11.98
C ALA A 138 -14.53 5.84 -12.03
N PRO A 139 -14.47 4.97 -13.05
CA PRO A 139 -13.30 4.10 -13.17
C PRO A 139 -12.10 4.89 -13.70
N MET A 140 -10.90 4.36 -13.42
CA MET A 140 -9.69 4.94 -13.95
C MET A 140 -9.68 4.86 -15.47
N LEU A 141 -8.79 5.64 -16.09
CA LEU A 141 -8.61 5.58 -17.54
C LEU A 141 -7.81 4.33 -17.96
N THR A 142 -7.20 3.62 -17.00
CA THR A 142 -6.32 2.49 -17.26
C THR A 142 -6.63 1.38 -16.27
N ARG A 143 -6.57 0.12 -16.73
CA ARG A 143 -6.72 -1.00 -15.80
C ARG A 143 -5.39 -1.09 -15.04
N ARG A 144 -5.43 -1.27 -13.71
CA ARG A 144 -4.19 -1.30 -12.94
C ARG A 144 -4.27 -2.25 -11.80
N ILE A 145 -3.37 -3.24 -11.79
CA ILE A 145 -3.21 -4.12 -10.63
C ILE A 145 -1.79 -3.85 -10.09
N GLY A 146 -1.55 -4.08 -8.80
CA GLY A 146 -0.25 -3.74 -8.19
C GLY A 146 -0.01 -2.23 -8.26
N VAL A 147 -1.11 -1.47 -8.12
CA VAL A 147 -1.15 -0.02 -8.28
C VAL A 147 -0.87 0.66 -6.96
N GLY A 148 0.01 1.67 -6.99
CA GLY A 148 0.30 2.42 -5.78
C GLY A 148 -0.66 3.59 -5.69
N VAL A 149 -1.22 3.82 -4.51
CA VAL A 149 -2.21 4.88 -4.35
C VAL A 149 -1.82 5.78 -3.18
N ALA A 150 -1.94 7.09 -3.40
CA ALA A 150 -1.70 8.03 -2.31
C ALA A 150 -2.63 9.22 -2.44
N VAL A 151 -2.84 9.93 -1.33
CA VAL A 151 -3.73 11.08 -1.32
C VAL A 151 -2.93 12.32 -0.94
N LEU A 152 -3.00 13.36 -1.78
CA LEU A 152 -2.31 14.62 -1.49
C LEU A 152 -3.31 15.73 -1.78
N ASN A 153 -3.53 16.58 -0.77
CA ASN A 153 -4.43 17.73 -0.95
C ASN A 153 -5.84 17.27 -1.34
N ARG A 154 -6.31 16.17 -0.73
CA ARG A 154 -7.64 15.63 -1.02
C ARG A 154 -7.87 15.28 -2.48
N LEU A 155 -6.79 14.90 -3.18
CA LEU A 155 -6.84 14.38 -4.53
C LEU A 155 -6.19 12.99 -4.45
N LEU A 156 -6.75 12.03 -5.19
CA LEU A 156 -6.31 10.62 -5.15
C LEU A 156 -5.46 10.29 -6.36
N TYR A 157 -4.28 9.73 -6.16
CA TYR A 157 -3.39 9.38 -7.27
C TYR A 157 -3.24 7.87 -7.37
N ALA A 158 -3.28 7.35 -8.61
CA ALA A 158 -3.05 5.93 -8.88
C ALA A 158 -1.80 5.85 -9.77
N VAL A 159 -0.78 5.16 -9.30
CA VAL A 159 0.55 5.18 -9.89
C VAL A 159 1.07 3.82 -10.33
N GLY A 160 1.46 3.70 -11.60
CA GLY A 160 2.05 2.46 -12.06
C GLY A 160 1.09 1.29 -12.07
N GLY A 161 1.66 0.09 -11.92
CA GLY A 161 0.85 -1.12 -11.91
C GLY A 161 1.05 -1.94 -13.17
N PHE A 162 0.12 -2.86 -13.41
CA PHE A 162 0.13 -3.76 -14.55
C PHE A 162 -1.30 -3.77 -15.12
N ASP A 163 -1.44 -3.58 -16.44
CA ASP A 163 -2.76 -3.48 -17.06
C ASP A 163 -3.32 -4.79 -17.64
N GLY A 164 -2.60 -5.89 -17.48
CA GLY A 164 -2.96 -7.19 -18.04
C GLY A 164 -1.98 -7.60 -19.12
N THR A 165 -1.24 -6.65 -19.71
CA THR A 165 -0.25 -6.92 -20.75
C THR A 165 1.10 -6.28 -20.41
N ASN A 166 1.07 -4.99 -20.03
CA ASN A 166 2.29 -4.26 -19.74
C ASN A 166 2.33 -3.68 -18.36
N ARG A 167 3.53 -3.60 -17.79
CA ARG A 167 3.79 -2.89 -16.52
C ARG A 167 3.86 -1.43 -16.93
N LEU A 168 3.41 -0.56 -16.03
CA LEU A 168 3.16 0.83 -16.35
C LEU A 168 4.06 1.83 -15.67
N ASN A 169 4.45 2.88 -16.43
CA ASN A 169 5.06 4.06 -15.81
C ASN A 169 4.00 5.21 -15.69
N SER A 170 2.77 5.01 -16.21
CA SER A 170 1.76 6.05 -16.18
C SER A 170 1.16 6.21 -14.80
N ALA A 171 0.51 7.35 -14.59
CA ALA A 171 -0.15 7.67 -13.34
C ALA A 171 -1.31 8.61 -13.64
N GLU A 172 -2.31 8.59 -12.77
CA GLU A 172 -3.50 9.40 -12.98
C GLU A 172 -4.04 9.90 -11.66
N CYS A 173 -4.86 10.96 -11.74
CA CYS A 173 -5.39 11.63 -10.56
C CYS A 173 -6.90 11.68 -10.65
N TYR A 174 -7.58 11.45 -9.51
CA TYR A 174 -9.03 11.50 -9.38
C TYR A 174 -9.39 12.77 -8.63
N TYR A 175 -10.33 13.53 -9.24
CA TYR A 175 -10.82 14.82 -8.75
C TYR A 175 -12.25 14.55 -8.23
N PRO A 176 -12.43 14.36 -6.90
CA PRO A 176 -13.73 13.86 -6.42
C PRO A 176 -14.94 14.72 -6.75
N GLU A 177 -14.78 16.06 -6.72
CA GLU A 177 -15.93 16.93 -7.02
C GLU A 177 -16.35 16.92 -8.47
N ARG A 178 -15.50 16.42 -9.37
CA ARG A 178 -15.85 16.26 -10.78
C ARG A 178 -16.11 14.77 -11.14
N ASN A 179 -15.81 13.84 -10.20
CA ASN A 179 -15.89 12.36 -10.39
C ASN A 179 -15.19 12.02 -11.70
N GLU A 180 -13.96 12.48 -11.82
CA GLU A 180 -13.22 12.36 -13.06
C GLU A 180 -11.77 11.99 -12.79
N TRP A 181 -11.18 11.16 -13.69
CA TRP A 181 -9.78 10.82 -13.65
C TRP A 181 -9.08 11.51 -14.81
N ARG A 182 -7.87 11.98 -14.59
CA ARG A 182 -7.05 12.58 -15.64
C ARG A 182 -5.64 12.08 -15.47
N MET A 183 -4.95 11.79 -16.59
CA MET A 183 -3.57 11.36 -16.51
C MET A 183 -2.68 12.49 -15.97
N ILE A 184 -1.65 12.13 -15.21
CA ILE A 184 -0.64 13.09 -14.81
C ILE A 184 0.66 12.75 -15.59
N THR A 185 1.75 13.50 -15.36
CA THR A 185 3.05 13.17 -15.97
C THR A 185 3.45 11.73 -15.62
N PRO A 186 3.88 10.93 -16.59
CA PRO A 186 4.32 9.57 -16.25
C PRO A 186 5.62 9.59 -15.47
N MET A 187 5.82 8.56 -14.66
CA MET A 187 7.08 8.38 -13.94
C MET A 187 8.22 8.16 -14.95
N ASN A 188 9.44 8.31 -14.47
CA ASN A 188 10.61 8.01 -15.31
C ASN A 188 10.84 6.50 -15.41
N THR A 189 10.26 5.69 -14.51
CA THR A 189 10.48 4.25 -14.46
C THR A 189 9.17 3.49 -14.46
N ILE A 190 9.14 2.34 -15.13
CA ILE A 190 7.99 1.44 -15.10
C ILE A 190 8.01 0.76 -13.73
N ARG A 191 6.86 0.77 -13.00
CA ARG A 191 6.83 0.17 -11.68
C ARG A 191 5.50 -0.46 -11.39
N SER A 192 5.52 -1.75 -11.06
CA SER A 192 4.35 -2.48 -10.59
CA SER A 192 4.34 -2.48 -10.58
C SER A 192 4.70 -2.96 -9.20
N GLY A 193 3.77 -2.86 -8.25
CA GLY A 193 4.07 -3.26 -6.88
C GLY A 193 5.09 -2.37 -6.21
N ALA A 194 5.05 -1.06 -6.56
CA ALA A 194 5.91 -0.10 -5.87
C ALA A 194 5.21 0.30 -4.56
N GLY A 195 5.97 0.88 -3.65
CA GLY A 195 5.39 1.50 -2.46
C GLY A 195 5.16 2.96 -2.78
N VAL A 196 3.91 3.44 -2.63
CA VAL A 196 3.54 4.82 -2.98
C VAL A 196 2.99 5.51 -1.75
N CYS A 197 3.52 6.70 -1.46
CA CYS A 197 3.06 7.45 -0.28
C CYS A 197 3.22 8.94 -0.54
N VAL A 198 2.78 9.76 0.42
CA VAL A 198 2.92 11.21 0.28
C VAL A 198 3.78 11.75 1.39
N LEU A 199 4.69 12.64 1.05
CA LEU A 199 5.56 13.25 2.03
C LEU A 199 5.79 14.66 1.60
N HIS A 200 5.37 15.58 2.46
CA HIS A 200 5.38 16.99 2.19
C HIS A 200 4.37 17.24 1.03
N ASN A 201 4.80 17.83 -0.06
CA ASN A 201 3.96 18.12 -1.19
C ASN A 201 4.27 17.18 -2.35
N CYS A 202 4.83 15.98 -2.08
CA CYS A 202 5.21 15.09 -3.17
C CYS A 202 4.62 13.71 -3.01
N ILE A 203 4.39 13.05 -4.14
CA ILE A 203 3.99 11.65 -4.12
C ILE A 203 5.25 10.85 -4.40
N TYR A 204 5.66 9.96 -3.51
CA TYR A 204 6.85 9.15 -3.72
C TYR A 204 6.46 7.77 -4.26
N ALA A 205 7.28 7.22 -5.17
CA ALA A 205 7.10 5.89 -5.70
C ALA A 205 8.44 5.20 -5.48
N ALA A 206 8.46 4.21 -4.58
CA ALA A 206 9.69 3.50 -4.22
C ALA A 206 9.66 2.07 -4.67
N GLY A 207 10.76 1.61 -5.27
CA GLY A 207 10.86 0.19 -5.64
C GLY A 207 9.86 -0.24 -6.68
N GLY A 208 9.53 -1.52 -6.64
CA GLY A 208 8.60 -2.10 -7.59
C GLY A 208 9.30 -3.05 -8.54
N TYR A 209 8.57 -3.50 -9.54
CA TYR A 209 9.02 -4.48 -10.53
C TYR A 209 8.77 -3.90 -11.90
N ASP A 210 9.79 -3.89 -12.77
CA ASP A 210 9.60 -3.31 -14.10
C ASP A 210 9.34 -4.33 -15.21
N GLY A 211 9.07 -5.57 -14.84
CA GLY A 211 8.88 -6.66 -15.79
C GLY A 211 10.15 -7.49 -15.95
N GLN A 212 11.30 -7.03 -15.41
CA GLN A 212 12.55 -7.77 -15.50
C GLN A 212 13.27 -7.80 -14.17
N ASP A 213 13.31 -6.66 -13.48
CA ASP A 213 14.04 -6.55 -12.22
C ASP A 213 13.21 -5.91 -11.11
N GLN A 214 13.54 -6.24 -9.86
CA GLN A 214 12.99 -5.54 -8.70
C GLN A 214 13.89 -4.30 -8.58
N LEU A 215 13.30 -3.17 -8.16
CA LEU A 215 13.98 -1.88 -8.17
C LEU A 215 14.35 -1.36 -6.83
N ASN A 216 15.47 -0.61 -6.75
CA ASN A 216 15.81 0.12 -5.54
C ASN A 216 15.60 1.66 -5.72
N SER A 217 15.29 2.10 -6.91
CA SER A 217 15.16 3.52 -7.20
C SER A 217 13.88 4.07 -6.62
N VAL A 218 13.92 5.37 -6.34
CA VAL A 218 12.80 6.08 -5.72
C VAL A 218 12.65 7.40 -6.42
N GLU A 219 11.42 7.74 -6.82
CA GLU A 219 11.18 9.04 -7.46
C GLU A 219 9.99 9.73 -6.83
N ARG A 220 9.92 11.04 -6.95
CA ARG A 220 8.85 11.80 -6.35
C ARG A 220 8.25 12.80 -7.31
N TYR A 221 6.92 12.93 -7.26
CA TYR A 221 6.15 13.81 -8.12
C TYR A 221 5.78 15.03 -7.32
N ASP A 222 6.20 16.23 -7.77
CA ASP A 222 5.84 17.47 -7.09
C ASP A 222 4.59 17.96 -7.82
N VAL A 223 3.47 18.06 -7.08
N VAL A 223 3.46 18.05 -7.10
CA VAL A 223 2.19 18.46 -7.67
CA VAL A 223 2.20 18.48 -7.72
C VAL A 223 2.16 19.91 -8.18
C VAL A 223 2.31 19.88 -8.35
N GLU A 224 3.06 20.78 -7.71
CA GLU A 224 3.15 22.17 -8.21
C GLU A 224 3.96 22.30 -9.49
N THR A 225 4.95 21.41 -9.70
CA THR A 225 5.79 21.45 -10.90
C THR A 225 5.43 20.42 -11.95
N GLU A 226 4.68 19.38 -11.55
CA GLU A 226 4.26 18.30 -12.41
C GLU A 226 5.43 17.48 -12.96
N THR A 227 6.50 17.38 -12.18
CA THR A 227 7.66 16.61 -12.58
C THR A 227 7.96 15.50 -11.60
N TRP A 228 8.59 14.44 -12.11
CA TRP A 228 9.09 13.34 -11.30
C TRP A 228 10.61 13.49 -11.22
N THR A 229 11.16 13.45 -10.01
CA THR A 229 12.59 13.54 -9.79
C THR A 229 13.06 12.34 -8.96
N PHE A 230 14.21 11.73 -9.32
CA PHE A 230 14.77 10.68 -8.48
C PHE A 230 15.40 11.25 -7.22
N VAL A 231 15.23 10.53 -6.11
CA VAL A 231 15.91 10.83 -4.87
C VAL A 231 16.92 9.66 -4.60
N ALA A 232 17.55 9.57 -3.41
CA ALA A 232 18.49 8.48 -3.12
C ALA A 232 17.76 7.14 -3.21
N PRO A 233 18.41 6.16 -3.83
CA PRO A 233 17.80 4.83 -3.89
C PRO A 233 17.83 4.14 -2.53
N MET A 234 16.90 3.19 -2.36
CA MET A 234 16.88 2.42 -1.12
C MET A 234 18.14 1.53 -1.05
N ARG A 235 18.48 1.08 0.15
CA ARG A 235 19.60 0.15 0.36
C ARG A 235 19.31 -1.20 -0.27
N HIS A 236 18.02 -1.60 -0.35
CA HIS A 236 17.67 -2.86 -0.95
C HIS A 236 16.73 -2.68 -2.12
N HIS A 237 16.88 -3.48 -3.17
CA HIS A 237 15.92 -3.58 -4.26
C HIS A 237 14.70 -4.32 -3.64
N ARG A 238 13.49 -3.81 -3.92
N ARG A 238 13.48 -3.84 -3.94
CA ARG A 238 12.30 -4.38 -3.33
CA ARG A 238 12.30 -4.50 -3.39
C ARG A 238 11.12 -4.21 -4.27
C ARG A 238 11.07 -4.21 -4.17
N SER A 239 10.28 -5.25 -4.38
CA SER A 239 9.00 -5.13 -5.07
C SER A 239 7.93 -5.67 -4.10
N ALA A 240 6.70 -5.23 -4.23
CA ALA A 240 5.61 -5.62 -3.31
C ALA A 240 5.96 -5.33 -1.86
N LEU A 241 6.51 -4.13 -1.65
CA LEU A 241 6.88 -3.65 -0.34
C LEU A 241 5.71 -2.95 0.33
N GLY A 242 5.75 -2.94 1.65
CA GLY A 242 4.86 -2.10 2.43
C GLY A 242 5.50 -0.73 2.62
N ILE A 243 4.68 0.31 2.81
CA ILE A 243 5.21 1.66 2.96
C ILE A 243 4.29 2.48 3.80
N THR A 244 4.88 3.39 4.58
CA THR A 244 4.08 4.35 5.31
C THR A 244 4.92 5.57 5.68
N VAL A 245 4.28 6.63 6.14
CA VAL A 245 4.98 7.80 6.62
C VAL A 245 4.71 7.93 8.10
N HIS A 246 5.75 8.23 8.86
CA HIS A 246 5.61 8.44 10.30
C HIS A 246 6.57 9.54 10.70
N GLN A 247 6.02 10.63 11.26
N GLN A 247 6.04 10.62 11.33
CA GLN A 247 6.76 11.78 11.75
CA GLN A 247 6.73 11.85 11.75
C GLN A 247 7.77 12.31 10.72
C GLN A 247 7.76 12.32 10.72
N GLY A 248 7.28 12.51 9.50
CA GLY A 248 8.08 13.07 8.42
C GLY A 248 9.12 12.22 7.76
N LYS A 249 9.07 10.91 7.98
CA LYS A 249 10.00 9.99 7.36
C LYS A 249 9.22 8.86 6.71
N ILE A 250 9.75 8.32 5.63
CA ILE A 250 9.10 7.19 4.96
C ILE A 250 9.70 5.90 5.47
N TYR A 251 8.86 4.93 5.80
CA TYR A 251 9.36 3.62 6.20
C TYR A 251 8.90 2.64 5.16
N VAL A 252 9.83 1.79 4.68
N VAL A 252 9.80 1.76 4.75
CA VAL A 252 9.52 0.70 3.75
CA VAL A 252 9.57 0.72 3.76
C VAL A 252 9.74 -0.61 4.49
C VAL A 252 9.78 -0.62 4.46
N LEU A 253 8.83 -1.54 4.31
CA LEU A 253 8.85 -2.82 5.01
C LEU A 253 8.82 -3.98 4.08
N GLY A 254 9.81 -4.85 4.21
CA GLY A 254 9.82 -6.08 3.45
C GLY A 254 9.83 -5.95 1.94
N GLY A 255 9.18 -6.92 1.29
CA GLY A 255 9.17 -6.99 -0.16
C GLY A 255 10.07 -8.11 -0.66
N TYR A 256 10.16 -8.22 -1.96
CA TYR A 256 10.94 -9.28 -2.58
C TYR A 256 12.07 -8.65 -3.36
N ASP A 257 13.30 -9.19 -3.20
CA ASP A 257 14.45 -8.60 -3.91
C ASP A 257 14.98 -9.43 -5.07
N GLY A 258 14.23 -10.45 -5.48
CA GLY A 258 14.67 -11.36 -6.53
C GLY A 258 15.37 -12.60 -5.98
N HIS A 259 15.53 -12.68 -4.67
CA HIS A 259 16.22 -13.79 -4.05
C HIS A 259 15.59 -14.18 -2.72
N THR A 260 15.26 -13.18 -1.89
CA THR A 260 14.74 -13.37 -0.55
C THR A 260 13.50 -12.51 -0.35
N PHE A 261 12.58 -13.00 0.48
CA PHE A 261 11.43 -12.23 0.96
C PHE A 261 12.02 -11.52 2.14
N LEU A 262 12.21 -10.21 2.01
CA LEU A 262 12.93 -9.41 2.99
C LEU A 262 12.27 -9.20 4.30
N ASP A 263 13.08 -9.18 5.34
CA ASP A 263 12.63 -8.75 6.64
C ASP A 263 13.09 -7.29 6.91
N SER A 264 13.92 -6.71 6.04
CA SER A 264 14.46 -5.38 6.23
C SER A 264 13.39 -4.27 6.28
N VAL A 265 13.52 -3.34 7.24
CA VAL A 265 12.70 -2.12 7.31
C VAL A 265 13.69 -0.96 7.20
N GLU A 266 13.55 -0.12 6.15
CA GLU A 266 14.40 1.06 5.94
C GLU A 266 13.58 2.32 6.13
N CYS A 267 14.28 3.40 6.42
N CYS A 267 14.25 3.42 6.52
CA CYS A 267 13.69 4.68 6.72
CA CYS A 267 13.55 4.70 6.66
C CYS A 267 14.36 5.75 5.86
C CYS A 267 14.30 5.83 5.99
N TYR A 268 13.58 6.61 5.22
CA TYR A 268 14.10 7.72 4.42
C TYR A 268 13.91 9.02 5.15
N ASP A 269 15.03 9.77 5.28
CA ASP A 269 15.02 11.10 5.89
C ASP A 269 15.12 12.08 4.72
N PRO A 270 14.05 12.84 4.44
CA PRO A 270 14.08 13.75 3.27
C PRO A 270 15.06 14.91 3.39
N ASP A 271 15.39 15.31 4.61
CA ASP A 271 16.31 16.43 4.83
C ASP A 271 17.75 16.07 4.45
N SER A 272 18.18 14.84 4.79
CA SER A 272 19.52 14.39 4.42
C SER A 272 19.54 13.60 3.10
N ASP A 273 18.36 13.21 2.57
CA ASP A 273 18.27 12.38 1.35
C ASP A 273 19.03 11.07 1.56
N THR A 274 18.78 10.42 2.72
CA THR A 274 19.44 9.18 3.04
C THR A 274 18.42 8.13 3.52
N TRP A 275 18.75 6.87 3.24
CA TRP A 275 17.98 5.72 3.71
C TRP A 275 18.82 4.99 4.75
N SER A 276 18.21 4.60 5.86
CA SER A 276 18.89 3.86 6.91
C SER A 276 18.08 2.63 7.32
N GLU A 277 18.76 1.54 7.71
CA GLU A 277 18.08 0.36 8.25
C GLU A 277 17.64 0.73 9.63
N VAL A 278 16.38 0.44 10.02
CA VAL A 278 15.93 0.81 11.37
CA VAL A 278 15.95 0.82 11.36
C VAL A 278 15.55 -0.40 12.21
N THR A 279 15.06 -1.47 11.57
CA THR A 279 14.65 -2.68 12.29
C THR A 279 14.45 -3.81 11.28
N ARG A 280 14.17 -5.00 11.79
CA ARG A 280 13.83 -6.11 10.94
C ARG A 280 12.50 -6.61 11.41
N MET A 281 11.64 -6.98 10.47
N MET A 281 11.65 -7.00 10.47
CA MET A 281 10.36 -7.60 10.80
CA MET A 281 10.38 -7.62 10.79
C MET A 281 10.67 -8.98 11.43
C MET A 281 10.68 -9.00 11.42
N THR A 282 9.71 -9.57 12.15
CA THR A 282 9.92 -10.87 12.80
C THR A 282 10.20 -12.01 11.79
N SER A 283 9.77 -11.85 10.54
CA SER A 283 10.06 -12.81 9.47
C SER A 283 9.94 -12.07 8.15
N GLY A 284 10.65 -12.54 7.14
CA GLY A 284 10.59 -11.96 5.82
C GLY A 284 9.26 -12.18 5.13
N ARG A 285 8.75 -11.17 4.43
CA ARG A 285 7.46 -11.29 3.72
C ARG A 285 7.30 -10.14 2.73
N SER A 286 6.39 -10.32 1.79
CA SER A 286 6.05 -9.30 0.82
C SER A 286 4.52 -9.14 0.73
N GLY A 287 4.04 -8.16 -0.01
CA GLY A 287 2.62 -7.98 -0.24
C GLY A 287 1.79 -7.67 0.99
N VAL A 288 2.38 -6.92 1.93
CA VAL A 288 1.69 -6.55 3.17
C VAL A 288 0.87 -5.26 3.00
N GLY A 289 -0.04 -5.01 3.93
CA GLY A 289 -0.78 -3.76 4.03
C GLY A 289 -0.22 -3.04 5.25
N VAL A 290 0.10 -1.74 5.14
CA VAL A 290 0.73 -1.00 6.24
C VAL A 290 -0.01 0.29 6.53
N ALA A 291 -0.15 0.64 7.83
CA ALA A 291 -0.74 1.92 8.19
C ALA A 291 -0.36 2.28 9.63
N VAL A 292 -0.53 3.55 10.02
CA VAL A 292 -0.13 3.99 11.35
C VAL A 292 -1.37 4.34 12.14
N THR A 293 -1.43 3.87 13.40
CA THR A 293 -2.51 4.26 14.31
C THR A 293 -2.01 4.10 15.77
N MET A 294 -2.87 4.43 16.76
CA MET A 294 -2.55 4.36 18.19
C MET A 294 -2.10 2.98 18.61
N GLU A 295 -1.30 2.90 19.69
CA GLU A 295 -0.84 1.62 20.23
C GLU A 295 -2.04 0.85 20.81
N PRO A 296 -1.99 -0.49 20.80
CA PRO A 296 -3.15 -1.25 21.29
C PRO A 296 -3.29 -1.23 22.81
C8 L5F B . 5.72 -7.00 -7.88
C8 L5F B . 5.74 -7.00 -7.88
C9 L5F B . 5.73 -8.17 -8.83
C9 L5F B . 5.76 -8.20 -8.81
O1 L5F B . 3.52 -6.69 -12.46
O1 L5F B . 3.80 -6.95 -12.37
O5 L5F B . 3.77 -10.54 -2.12
O5 L5F B . 3.66 -10.45 -2.16
O4 L5F B . 1.35 -10.68 -2.57
O4 L5F B . 1.34 -11.07 -2.70
S6 L5F B . 2.70 -10.86 -2.99
S6 L5F B . 2.71 -10.99 -3.06
O7 L5F B . 2.89 -12.40 -3.34
O7 L5F B . 3.20 -12.47 -3.36
C10 L5F B . 4.64 -8.48 -9.66
C10 L5F B . 4.66 -8.51 -9.64
C11 L5F B . 4.75 -9.57 -10.53
C11 L5F B . 4.76 -9.61 -10.49
C12 L5F B . 5.89 -10.34 -10.65
C12 L5F B . 5.91 -10.38 -10.60
C13 L5F B . 6.96 -10.00 -9.84
C13 L5F B . 6.99 -10.03 -9.80
C14 L5F B . 6.89 -8.94 -8.93
C14 L5F B . 6.91 -8.98 -8.90
N15 L5F B . 8.11 -8.82 -8.31
N15 L5F B . 8.11 -8.87 -8.24
N16 L5F B . 8.92 -9.72 -8.80
N16 L5F B . 8.92 -9.78 -8.73
N17 L5F B . 8.25 -10.43 -9.74
N17 L5F B . 8.27 -10.49 -9.69
C18 L5F B . 8.94 -11.48 -10.50
C18 L5F B . 9.01 -11.42 -10.52
C19 L5F B . 8.61 -12.87 -10.01
C19 L5F B . 8.23 -12.66 -10.88
O20 L5F B . 9.43 -13.18 -8.91
O20 L5F B . 7.55 -13.19 -9.76
C21 L5F B . 8.84 -14.08 -7.99
C21 L5F B . 8.40 -13.66 -8.73
C22 L5F B . 8.05 -13.26 -7.03
C22 L5F B . 8.15 -12.83 -7.53
O23 L5F B . 7.29 -14.13 -6.18
O23 L5F B . 7.55 -13.69 -6.55
C24 L5F B . 5.96 -12.22 -5.43
C24 L5F B . 6.07 -11.88 -5.67
C25 L5F B . 6.28 -13.57 -5.45
C25 L5F B . 6.56 -13.18 -5.74
C26 L5F B . 5.50 -14.49 -4.79
C26 L5F B . 5.96 -14.20 -5.01
C27 L5F B . 4.35 -14.07 -4.12
C27 L5F B . 4.85 -13.93 -4.24
C28 L5F B . 4.03 -12.73 -4.10
C28 L5F B . 4.34 -12.64 -4.19
C29 L5F B . 4.81 -11.78 -4.78
C29 L5F B . 4.92 -11.60 -4.93
C30 L5F B . 4.35 -10.34 -4.91
C30 L5F B . 4.28 -10.24 -5.00
N31 L5F B . 2.95 -10.26 -4.47
N31 L5F B . 2.90 -10.33 -4.52
C32 L5F B . 1.88 -11.36 -6.39
C32 L5F B . 1.63 -11.30 -6.38
C33 L5F B . 1.88 -10.11 -5.50
C33 L5F B . 1.79 -10.07 -5.48
C34 L5F B . 1.08 -7.52 -4.28
C34 L5F B . 1.07 -7.44 -4.27
C35 L5F B . 2.30 -6.43 -7.69
C35 L5F B . 2.31 -6.42 -7.70
C36 L5F B . 1.76 -6.43 -6.42
C36 L5F B . 1.76 -6.38 -6.44
C37 L5F B . 1.62 -7.59 -5.68
C37 L5F B . 1.61 -7.54 -5.68
C38 L5F B . 2.02 -8.81 -6.28
C38 L5F B . 2.00 -8.77 -6.24
C39 L5F B . 2.54 -8.79 -7.56
C39 L5F B . 2.57 -8.78 -7.52
C40 L5F B . 2.72 -7.61 -8.29
C40 L5F B . 2.74 -7.61 -8.26
C41 L5F B . 3.40 -7.59 -9.65
C41 L5F B . 3.42 -7.62 -9.63
C42 L5F B . 2.38 -7.91 -10.75
C42 L5F B . 2.39 -7.97 -10.73
C43 L5F B . 2.92 -7.75 -12.16
C43 L5F B . 2.84 -7.73 -12.17
O44 L5F B . 2.72 -8.70 -12.96
O44 L5F B . 2.21 -8.33 -13.06
H81 L5F B . 4.92 -7.06 -7.15
H81 L5F B . 4.96 -7.08 -7.12
H82 L5F B . 5.57 -6.06 -8.43
H82 L5F B . 5.57 -6.09 -8.43
H83 L5F B . 6.66 -6.89 -7.34
H83 L5F B . 6.69 -6.88 -7.35
H11 L5F B . 3.91 -9.89 -11.16
H11 L5F B . 3.93 -9.93 -11.11
H12 L5F B . 5.95 -11.18 -11.34
H12 L5F B . 5.96 -11.22 -11.29
H182 L5F B . 8.73 -11.37 -11.56
H182 L5F B . 9.36 -10.91 -11.41
H181 L5F B . 10.00 -11.29 -10.40
H181 L5F B . 9.93 -11.68 -9.99
H191 L5F B . 8.88 -13.61 -10.75
H191 L5F B . 8.89 -13.47 -11.18
H192 L5F B . 7.53 -12.99 -9.85
H192 L5F B . 7.60 -12.50 -11.76
H211 L5F B . 9.57 -14.71 -7.49
H211 L5F B . 9.46 -13.71 -8.99
H212 L5F B . 8.23 -14.73 -8.60
H212 L5F B . 8.07 -14.69 -8.60
H221 L5F B . 7.29 -12.68 -7.56
H221 L5F B . 7.39 -12.09 -7.78
H222 L5F B . 8.66 -12.53 -6.51
H222 L5F B . 9.03 -12.28 -7.20
H24 L5F B . 6.58 -11.46 -5.90
H24 L5F B . 6.56 -11.04 -6.16
H26 L5F B . 5.75 -15.55 -4.80
H26 L5F B . 6.36 -15.21 -5.05
H27 L5F B . 3.72 -14.79 -3.61
H27 L5F B . 4.36 -14.71 -3.67
H301 L5F B . 4.48 -10.08 -5.96
H301 L5F B . 4.37 -9.94 -6.04
H302 L5F B . 4.98 -9.67 -4.34
H302 L5F B . 4.85 -9.51 -4.42
H323 L5F B . 1.14 -11.26 -7.17
H323 L5F B . 0.90 -11.09 -7.16
H321 L5F B . 1.64 -12.27 -5.83
H321 L5F B . 1.28 -12.17 -5.84
H322 L5F B . 2.82 -11.55 -6.92
H322 L5F B . 2.53 -11.58 -6.92
H33 L5F B . 0.91 -10.12 -5.02
H33 L5F B . 0.84 -10.00 -4.94
H342 L5F B . 1.78 -7.96 -3.56
H342 L5F B . 1.74 -7.91 -3.55
H343 L5F B . 0.13 -8.05 -4.17
H343 L5F B . 0.09 -7.92 -4.17
H341 L5F B . 0.90 -6.51 -3.95
H341 L5F B . 0.94 -6.41 -3.95
H35 L5F B . 2.38 -5.49 -8.24
H35 L5F B . 2.39 -5.49 -8.27
H36 L5F B . 1.44 -5.47 -6.00
H36 L5F B . 1.44 -5.43 -6.04
H39 L5F B . 2.83 -9.72 -8.06
H39 L5F B . 2.89 -9.71 -7.97
H41 L5F B . 3.73 -6.57 -9.82
H41 L5F B . 3.74 -6.61 -9.82
H422 L5F B . 2.02 -8.94 -10.65
H422 L5F B . 2.06 -9.00 -10.64
H421 L5F B . 1.48 -7.31 -10.61
H421 L5F B . 1.48 -7.40 -10.53
#